data_6F96
#
_entry.id   6F96
#
_cell.length_a   100.200
_cell.length_b   100.200
_cell.length_c   50.270
_cell.angle_alpha   90.000
_cell.angle_beta   90.000
_cell.angle_gamma   120.000
#
_symmetry.space_group_name_H-M   'P 32 2 1'
#
loop_
_entity.id
_entity.type
_entity.pdbx_description
1 polymer 'DNA gyrase subunit B'
2 non-polymer 6-(ethylcarbamoylamino)-4-[(4-methoxyphenyl)amino]-~{N}-pyridin-3-yl-pyridine-3-carboxamide
3 water water
#
_entity_poly.entity_id   1
_entity_poly.type   'polypeptide(L)'
_entity_poly.pdbx_seq_one_letter_code
;SMSNSYDSSSIKVLKGLDAVRKRPGMYIGDTDDGTGLHHMVFEVVDNAIDEALAGHCKEIIVTIHADNSVSVQDDGRGIP
TGIHPEEGVSAAEVIMTVLHAGGKFDDNSYKVSGGLHGVGVSVVNALSQKLELVIQREGKIHRQIYEHGVPQAPLAVTGE
TEKTGTMVRFWPSLETFTNVTEFEYEILAKRLRELSFLNSGVSIRLRDKRDGKEDHFHYEG
;
_entity_poly.pdbx_strand_id   A
#
loop_
_chem_comp.id
_chem_comp.type
_chem_comp.name
_chem_comp.formula
D0K non-polymer 6-(ethylcarbamoylamino)-4-[(4-methoxyphenyl)amino]-~{N}-pyridin-3-yl-pyridine-3-carboxamide 'C21 H22 N6 O3'
#
# COMPACT_ATOMS: atom_id res chain seq x y z
N GLY A 16 3.25 20.00 -4.04
CA GLY A 16 2.17 18.98 -3.88
C GLY A 16 2.58 17.89 -2.91
N LEU A 17 3.56 17.08 -3.32
CA LEU A 17 4.20 16.12 -2.42
C LEU A 17 5.07 16.83 -1.39
N ASP A 18 5.44 18.08 -1.66
CA ASP A 18 6.14 18.91 -0.68
C ASP A 18 5.21 19.44 0.42
N ALA A 19 3.97 19.80 0.05
CA ALA A 19 2.93 20.21 1.00
C ALA A 19 2.64 19.14 2.04
N VAL A 20 2.53 17.90 1.58
CA VAL A 20 2.23 16.76 2.45
C VAL A 20 3.38 16.52 3.41
N ARG A 21 4.62 16.63 2.90
CA ARG A 21 5.82 16.49 3.75
C ARG A 21 5.99 17.63 4.76
N LYS A 22 5.52 18.82 4.41
CA LYS A 22 5.61 19.99 5.31
C LYS A 22 4.59 19.87 6.44
N ARG A 23 3.36 19.44 6.14
CA ARG A 23 2.31 19.33 7.15
C ARG A 23 1.67 17.94 7.20
N PRO A 24 2.47 16.90 7.53
CA PRO A 24 1.96 15.53 7.47
C PRO A 24 0.71 15.30 8.31
N GLY A 25 0.63 15.97 9.45
CA GLY A 25 -0.47 15.82 10.38
C GLY A 25 -1.83 16.10 9.78
N MET A 26 -1.91 17.16 8.97
CA MET A 26 -3.14 17.53 8.24
C MET A 26 -3.69 16.35 7.40
N TYR A 27 -2.79 15.70 6.67
CA TYR A 27 -3.17 14.67 5.72
C TYR A 27 -3.44 13.32 6.41
N ILE A 28 -2.43 12.81 7.11
CA ILE A 28 -2.43 11.42 7.60
C ILE A 28 -2.98 11.20 9.03
N GLY A 29 -3.03 12.25 9.85
CA GLY A 29 -3.38 12.12 11.27
C GLY A 29 -2.15 12.31 12.13
N ASP A 30 -2.29 12.12 13.43
CA ASP A 30 -1.23 12.46 14.39
C ASP A 30 0.00 11.60 14.14
N THR A 31 1.15 12.26 14.00
CA THR A 31 2.41 11.63 13.63
C THR A 31 3.23 11.09 14.83
N ASP A 32 2.72 11.33 16.04
CA ASP A 32 3.44 11.18 17.30
C ASP A 32 2.88 10.11 18.25
N ASP A 33 1.72 9.54 17.96
CA ASP A 33 1.15 8.49 18.78
C ASP A 33 0.79 7.25 17.98
N GLY A 34 1.29 7.14 16.75
CA GLY A 34 1.00 6.00 15.89
C GLY A 34 -0.30 5.97 15.09
N THR A 35 -1.18 6.95 15.25
CA THR A 35 -2.46 6.95 14.51
C THR A 35 -2.20 7.13 13.02
N GLY A 36 -1.38 8.12 12.67
CA GLY A 36 -0.99 8.40 11.29
C GLY A 36 -0.26 7.23 10.65
N LEU A 37 0.68 6.67 11.39
CA LEU A 37 1.45 5.52 10.93
C LEU A 37 0.54 4.41 10.46
N HIS A 38 -0.48 4.08 11.26
CA HIS A 38 -1.40 3.01 10.88
C HIS A 38 -2.43 3.36 9.81
N HIS A 39 -2.79 4.64 9.72
N HIS A 39 -2.80 4.65 9.73
CA HIS A 39 -3.65 5.12 8.65
CA HIS A 39 -3.65 5.18 8.65
C HIS A 39 -2.98 4.94 7.29
C HIS A 39 -2.98 4.95 7.29
N MET A 40 -1.65 4.98 7.26
CA MET A 40 -0.86 4.75 6.03
C MET A 40 -1.11 3.36 5.44
N VAL A 41 -1.21 2.37 6.31
CA VAL A 41 -1.54 1.01 5.88
C VAL A 41 -2.95 0.98 5.31
N PHE A 42 -3.88 1.53 6.07
CA PHE A 42 -5.29 1.50 5.67
C PHE A 42 -5.54 2.26 4.36
N GLU A 43 -4.77 3.31 4.08
CA GLU A 43 -4.89 4.00 2.80
C GLU A 43 -4.60 3.05 1.63
N VAL A 44 -3.49 2.34 1.74
CA VAL A 44 -3.11 1.34 0.74
C VAL A 44 -4.16 0.23 0.61
N VAL A 45 -4.62 -0.31 1.74
CA VAL A 45 -5.65 -1.35 1.73
C VAL A 45 -6.95 -0.89 1.07
N ASP A 46 -7.34 0.36 1.27
CA ASP A 46 -8.63 0.84 0.71
C ASP A 46 -8.72 0.67 -0.80
N ASN A 47 -7.60 0.94 -1.48
CA ASN A 47 -7.50 0.73 -2.91
C ASN A 47 -7.66 -0.74 -3.30
N ALA A 48 -7.04 -1.64 -2.57
CA ALA A 48 -7.24 -3.06 -2.81
C ALA A 48 -8.70 -3.44 -2.56
N ILE A 49 -9.30 -2.91 -1.50
CA ILE A 49 -10.72 -3.16 -1.21
C ILE A 49 -11.59 -2.68 -2.37
N ASP A 50 -11.29 -1.49 -2.93
CA ASP A 50 -12.02 -0.96 -4.12
C ASP A 50 -11.95 -1.85 -5.33
N GLU A 51 -10.76 -2.41 -5.56
CA GLU A 51 -10.58 -3.42 -6.60
C GLU A 51 -11.43 -4.69 -6.32
N ALA A 52 -11.61 -5.05 -5.06
CA ALA A 52 -12.54 -6.12 -4.64
C ALA A 52 -14.02 -5.77 -4.84
N LEU A 53 -14.40 -4.53 -4.52
CA LEU A 53 -15.77 -4.06 -4.73
C LEU A 53 -16.15 -4.01 -6.20
N ALA A 54 -15.19 -3.75 -7.07
CA ALA A 54 -15.40 -3.81 -8.52
C ALA A 54 -15.43 -5.23 -9.06
N GLY A 55 -15.28 -6.24 -8.20
CA GLY A 55 -15.43 -7.65 -8.57
C GLY A 55 -14.15 -8.37 -8.91
N HIS A 56 -13.01 -7.67 -8.93
CA HIS A 56 -11.79 -8.19 -9.55
C HIS A 56 -10.75 -8.80 -8.60
N CYS A 57 -10.79 -8.45 -7.33
CA CYS A 57 -9.84 -8.95 -6.32
C CYS A 57 -10.59 -9.81 -5.31
N LYS A 58 -10.13 -11.05 -5.12
CA LYS A 58 -10.73 -11.99 -4.16
C LYS A 58 -10.01 -12.04 -2.79
N GLU A 59 -8.74 -11.64 -2.73
CA GLU A 59 -7.91 -11.79 -1.53
C GLU A 59 -6.92 -10.64 -1.36
N ILE A 60 -6.72 -10.21 -0.11
CA ILE A 60 -5.72 -9.20 0.21
C ILE A 60 -4.80 -9.79 1.29
N ILE A 61 -3.50 -9.55 1.19
CA ILE A 61 -2.53 -10.01 2.16
C ILE A 61 -1.70 -8.83 2.66
N VAL A 62 -1.74 -8.61 3.98
CA VAL A 62 -1.02 -7.55 4.65
C VAL A 62 0.07 -8.20 5.50
N THR A 63 1.32 -7.84 5.23
CA THR A 63 2.47 -8.44 5.88
C THR A 63 3.27 -7.38 6.59
N ILE A 64 3.48 -7.59 7.90
CA ILE A 64 4.38 -6.77 8.69
C ILE A 64 5.76 -7.42 8.63
N HIS A 65 6.68 -6.76 7.94
CA HIS A 65 8.03 -7.28 7.72
C HIS A 65 8.90 -6.93 8.92
N ALA A 66 10.01 -7.65 9.08
CA ALA A 66 10.95 -7.36 10.16
C ALA A 66 11.94 -6.20 9.89
N ASP A 67 11.81 -5.51 8.77
CA ASP A 67 12.66 -4.35 8.44
C ASP A 67 11.91 -3.01 8.48
N ASN A 68 10.87 -2.94 9.30
CA ASN A 68 10.06 -1.73 9.49
C ASN A 68 9.29 -1.32 8.24
N SER A 69 8.83 -2.29 7.46
CA SER A 69 7.92 -2.02 6.34
C SER A 69 6.68 -2.88 6.45
N VAL A 70 5.62 -2.41 5.80
CA VAL A 70 4.44 -3.21 5.55
C VAL A 70 4.24 -3.33 4.05
N SER A 71 3.75 -4.49 3.61
CA SER A 71 3.36 -4.68 2.23
C SER A 71 1.89 -5.10 2.18
N VAL A 72 1.18 -4.60 1.18
CA VAL A 72 -0.19 -5.01 0.91
C VAL A 72 -0.16 -5.62 -0.50
N GLN A 73 -0.65 -6.85 -0.63
CA GLN A 73 -0.71 -7.57 -1.90
C GLN A 73 -2.18 -7.89 -2.21
N ASP A 74 -2.65 -7.51 -3.39
CA ASP A 74 -3.95 -7.97 -3.88
C ASP A 74 -3.77 -8.91 -5.08
N ASP A 75 -4.85 -9.60 -5.45
CA ASP A 75 -4.86 -10.51 -6.59
C ASP A 75 -5.81 -9.99 -7.68
N GLY A 76 -5.92 -8.67 -7.78
CA GLY A 76 -6.79 -8.04 -8.75
C GLY A 76 -6.13 -7.92 -10.10
N ARG A 77 -6.68 -7.02 -10.89
CA ARG A 77 -6.22 -6.81 -12.25
C ARG A 77 -4.86 -6.17 -12.34
N GLY A 78 -4.40 -5.54 -11.26
CA GLY A 78 -3.15 -4.84 -11.26
C GLY A 78 -3.34 -3.38 -11.67
N ILE A 79 -2.52 -2.51 -11.10
CA ILE A 79 -2.56 -1.09 -11.41
C ILE A 79 -2.17 -0.89 -12.89
N PRO A 80 -2.85 0.04 -13.59
CA PRO A 80 -2.49 0.32 -14.99
C PRO A 80 -1.00 0.67 -15.18
N THR A 81 -0.38 0.10 -16.21
CA THR A 81 1.05 0.24 -16.44
C THR A 81 1.43 0.97 -17.73
N GLY A 82 0.47 1.37 -18.53
CA GLY A 82 0.77 2.03 -19.80
C GLY A 82 1.43 3.38 -19.66
N ILE A 83 2.10 3.81 -20.73
CA ILE A 83 2.82 5.07 -20.81
C ILE A 83 2.02 6.07 -21.65
N HIS A 84 2.00 7.33 -21.23
CA HIS A 84 1.62 8.40 -22.11
C HIS A 84 2.83 8.67 -23.03
N PRO A 85 2.65 8.53 -24.37
CA PRO A 85 3.76 8.65 -25.30
C PRO A 85 4.49 9.99 -25.27
N GLU A 86 3.73 11.08 -25.35
CA GLU A 86 4.33 12.42 -25.28
C GLU A 86 4.94 12.79 -23.92
N GLU A 87 4.38 12.29 -22.83
CA GLU A 87 4.85 12.63 -21.47
C GLU A 87 5.94 11.70 -20.96
N GLY A 88 5.93 10.44 -21.41
CA GLY A 88 6.87 9.44 -20.92
C GLY A 88 6.63 8.97 -19.48
N VAL A 89 5.44 9.19 -18.94
CA VAL A 89 5.13 8.81 -17.56
C VAL A 89 4.03 7.76 -17.56
N SER A 90 4.20 6.73 -16.72
CA SER A 90 3.27 5.65 -16.66
C SER A 90 2.09 6.01 -15.77
N ALA A 91 0.94 5.40 -16.07
CA ALA A 91 -0.26 5.57 -15.25
C ALA A 91 0.06 5.32 -13.77
N ALA A 92 0.84 4.26 -13.53
CA ALA A 92 1.26 3.87 -12.20
C ALA A 92 1.90 5.05 -11.51
N GLU A 93 2.84 5.70 -12.17
CA GLU A 93 3.54 6.83 -11.59
C GLU A 93 2.61 8.01 -11.32
N VAL A 94 1.61 8.23 -12.18
CA VAL A 94 0.61 9.28 -11.96
C VAL A 94 -0.18 9.00 -10.69
N ILE A 95 -0.65 7.76 -10.57
CA ILE A 95 -1.42 7.31 -9.41
C ILE A 95 -0.66 7.58 -8.10
N MET A 96 0.63 7.23 -8.10
CA MET A 96 1.49 7.32 -6.94
C MET A 96 2.02 8.74 -6.61
N THR A 97 1.95 9.68 -7.55
CA THR A 97 2.54 11.02 -7.34
C THR A 97 1.58 12.20 -7.28
N VAL A 98 0.33 12.04 -7.72
CA VAL A 98 -0.61 13.16 -7.76
C VAL A 98 -1.64 13.06 -6.63
N LEU A 99 -2.02 14.20 -6.03
CA LEU A 99 -3.14 14.23 -5.08
C LEU A 99 -4.48 14.23 -5.81
N GLY A 118 -10.48 9.65 3.17
CA GLY A 118 -9.89 8.92 2.06
C GLY A 118 -8.84 9.77 1.35
N VAL A 119 -7.69 9.89 2.01
CA VAL A 119 -6.63 10.83 1.61
C VAL A 119 -5.73 10.33 0.45
N GLY A 120 -5.84 9.07 0.03
CA GLY A 120 -5.15 8.54 -1.16
C GLY A 120 -3.73 8.03 -0.95
N VAL A 121 -3.28 7.14 -1.83
CA VAL A 121 -1.96 6.49 -1.73
C VAL A 121 -0.74 7.39 -2.03
N SER A 122 -0.94 8.48 -2.77
CA SER A 122 0.16 9.41 -3.06
C SER A 122 0.66 10.09 -1.80
N VAL A 123 -0.23 10.24 -0.81
CA VAL A 123 0.14 10.72 0.53
C VAL A 123 1.07 9.71 1.22
N VAL A 124 0.76 8.43 1.11
CA VAL A 124 1.57 7.38 1.72
C VAL A 124 2.97 7.40 1.14
N ASN A 125 3.03 7.51 -0.18
CA ASN A 125 4.28 7.64 -0.90
C ASN A 125 5.13 8.82 -0.39
N ALA A 126 4.49 9.97 -0.22
CA ALA A 126 5.18 11.20 0.22
C ALA A 126 5.79 11.10 1.61
N LEU A 127 5.14 10.33 2.47
CA LEU A 127 5.57 10.16 3.84
C LEU A 127 6.31 8.85 4.08
N SER A 128 6.75 8.18 3.01
CA SER A 128 7.58 6.96 3.09
C SER A 128 8.99 7.26 2.64
N GLN A 129 10.00 6.93 3.43
CA GLN A 129 11.39 7.05 2.99
C GLN A 129 11.65 6.19 1.76
N LYS A 130 10.93 5.08 1.69
CA LYS A 130 10.96 4.24 0.51
C LYS A 130 9.61 3.58 0.30
N LEU A 131 9.23 3.42 -0.96
CA LEU A 131 8.05 2.68 -1.34
C LEU A 131 8.30 1.93 -2.62
N GLU A 132 7.86 0.67 -2.65
CA GLU A 132 8.07 -0.23 -3.77
C GLU A 132 6.71 -0.66 -4.27
N LEU A 133 6.54 -0.54 -5.58
CA LEU A 133 5.32 -0.94 -6.26
C LEU A 133 5.68 -2.07 -7.21
N VAL A 134 4.93 -3.17 -7.15
CA VAL A 134 5.13 -4.30 -8.05
C VAL A 134 3.78 -4.68 -8.59
N ILE A 135 3.70 -4.75 -9.91
CA ILE A 135 2.42 -4.96 -10.61
C ILE A 135 2.55 -6.16 -11.50
N GLN A 136 1.66 -7.12 -11.31
CA GLN A 136 1.54 -8.27 -12.17
C GLN A 136 0.34 -8.04 -13.08
N ARG A 137 0.59 -7.98 -14.39
CA ARG A 137 -0.42 -7.57 -15.33
C ARG A 137 -0.05 -7.93 -16.75
N GLU A 138 -1.01 -8.46 -17.51
CA GLU A 138 -0.83 -8.81 -18.92
C GLU A 138 0.47 -9.60 -19.13
N GLY A 139 0.66 -10.59 -18.26
CA GLY A 139 1.81 -11.48 -18.30
C GLY A 139 3.16 -10.98 -17.84
N LYS A 140 3.26 -9.75 -17.35
CA LYS A 140 4.55 -9.16 -17.00
C LYS A 140 4.58 -8.61 -15.56
N ILE A 141 5.75 -8.66 -14.94
CA ILE A 141 5.97 -8.04 -13.63
C ILE A 141 6.53 -6.65 -13.92
N HIS A 142 5.94 -5.62 -13.31
CA HIS A 142 6.40 -4.23 -13.46
C HIS A 142 6.74 -3.72 -12.08
N ARG A 143 7.77 -2.87 -12.01
CA ARG A 143 8.28 -2.41 -10.72
C ARG A 143 8.77 -0.96 -10.74
N GLN A 144 8.50 -0.24 -9.66
CA GLN A 144 9.01 1.10 -9.45
C GLN A 144 9.29 1.37 -7.97
N ILE A 145 10.39 2.07 -7.73
CA ILE A 145 10.82 2.45 -6.40
C ILE A 145 10.67 3.96 -6.28
N TYR A 146 10.21 4.42 -5.12
CA TYR A 146 10.23 5.85 -4.79
C TYR A 146 10.91 6.06 -3.45
N GLU A 147 11.51 7.24 -3.30
CA GLU A 147 12.01 7.73 -2.00
C GLU A 147 11.37 9.07 -1.73
N HIS A 148 10.61 9.15 -0.65
CA HIS A 148 9.88 10.38 -0.25
C HIS A 148 9.03 10.91 -1.39
N GLY A 149 8.32 9.98 -2.07
CA GLY A 149 7.49 10.33 -3.22
C GLY A 149 8.16 10.49 -4.57
N VAL A 150 9.49 10.60 -4.61
CA VAL A 150 10.20 10.83 -5.88
C VAL A 150 10.55 9.48 -6.48
N PRO A 151 10.13 9.22 -7.73
CA PRO A 151 10.56 8.00 -8.41
C PRO A 151 12.03 8.02 -8.74
N GLN A 152 12.67 6.86 -8.64
CA GLN A 152 14.12 6.74 -8.81
C GLN A 152 14.53 6.27 -10.19
N ALA A 153 13.62 5.59 -10.88
CA ALA A 153 13.76 5.27 -12.29
C ALA A 153 12.36 5.09 -12.85
N PRO A 154 12.20 5.05 -14.19
CA PRO A 154 10.87 4.78 -14.75
C PRO A 154 10.32 3.39 -14.38
N LEU A 155 9.00 3.21 -14.47
CA LEU A 155 8.40 1.89 -14.27
C LEU A 155 9.02 0.93 -15.26
N ALA A 156 9.36 -0.27 -14.82
CA ALA A 156 10.17 -1.19 -15.63
C ALA A 156 9.76 -2.64 -15.46
N VAL A 157 9.92 -3.43 -16.51
CA VAL A 157 9.54 -4.84 -16.51
C VAL A 157 10.63 -5.70 -15.84
N THR A 158 10.25 -6.46 -14.80
CA THR A 158 11.21 -7.27 -14.02
C THR A 158 11.02 -8.78 -14.17
N GLY A 159 10.25 -9.20 -15.17
CA GLY A 159 9.95 -10.63 -15.38
C GLY A 159 8.58 -10.89 -15.98
N GLU A 160 8.21 -12.17 -16.02
CA GLU A 160 6.94 -12.62 -16.51
C GLU A 160 6.19 -13.30 -15.37
N THR A 161 4.89 -13.41 -15.55
CA THR A 161 4.03 -13.97 -14.51
C THR A 161 2.75 -14.52 -15.12
N GLU A 162 2.20 -15.53 -14.47
CA GLU A 162 0.90 -16.13 -14.83
C GLU A 162 -0.23 -15.55 -13.99
N LYS A 163 0.10 -14.67 -13.04
CA LYS A 163 -0.84 -14.05 -12.12
C LYS A 163 -1.06 -12.57 -12.44
N THR A 164 -2.10 -12.02 -11.83
CA THR A 164 -2.30 -10.56 -11.79
C THR A 164 -2.37 -10.04 -10.34
N GLY A 165 -2.04 -8.77 -10.16
CA GLY A 165 -2.25 -8.08 -8.90
C GLY A 165 -1.32 -6.93 -8.65
N THR A 166 -1.44 -6.33 -7.48
CA THR A 166 -0.66 -5.17 -7.11
C THR A 166 -0.12 -5.35 -5.71
N MET A 167 1.14 -4.96 -5.53
CA MET A 167 1.85 -5.06 -4.26
C MET A 167 2.45 -3.72 -3.95
N VAL A 168 2.13 -3.15 -2.80
CA VAL A 168 2.79 -1.93 -2.32
C VAL A 168 3.45 -2.24 -0.98
N ARG A 169 4.73 -1.91 -0.90
CA ARG A 169 5.52 -2.14 0.27
C ARG A 169 6.19 -0.84 0.57
N PHE A 170 6.04 -0.35 1.80
CA PHE A 170 6.57 0.96 2.15
C PHE A 170 7.23 0.99 3.51
N TRP A 171 8.26 1.83 3.59
CA TRP A 171 9.03 2.05 4.80
C TRP A 171 8.69 3.47 5.27
N PRO A 172 7.99 3.63 6.41
CA PRO A 172 7.59 4.99 6.78
C PRO A 172 8.80 5.89 7.07
N SER A 173 8.66 7.18 6.76
CA SER A 173 9.73 8.15 6.98
C SER A 173 9.96 8.37 8.48
N LEU A 174 11.22 8.31 8.89
CA LEU A 174 11.58 8.54 10.28
C LEU A 174 11.80 10.02 10.58
N GLU A 175 11.80 10.87 9.54
CA GLU A 175 11.68 12.33 9.72
C GLU A 175 10.25 12.77 10.09
N THR A 176 9.26 11.91 9.82
CA THR A 176 7.86 12.26 9.97
C THR A 176 7.25 11.68 11.25
N PHE A 177 7.46 10.39 11.47
CA PHE A 177 6.82 9.66 12.58
C PHE A 177 7.74 9.54 13.81
N THR A 178 7.16 9.78 15.00
CA THR A 178 7.88 9.79 16.28
C THR A 178 7.13 8.96 17.32
N ASN A 179 7.83 8.58 18.40
CA ASN A 179 7.29 7.73 19.50
C ASN A 179 6.88 6.30 19.09
N VAL A 180 5.89 6.21 18.22
CA VAL A 180 5.46 4.94 17.66
C VAL A 180 5.88 4.93 16.19
N THR A 181 7.02 4.28 15.92
CA THR A 181 7.60 4.18 14.57
C THR A 181 7.58 2.73 14.05
N GLU A 182 6.97 1.83 14.83
CA GLU A 182 6.79 0.44 14.42
C GLU A 182 5.30 0.09 14.37
N PHE A 183 4.93 -0.71 13.38
CA PHE A 183 3.57 -1.19 13.24
C PHE A 183 3.20 -2.18 14.34
N GLU A 184 1.92 -2.16 14.72
CA GLU A 184 1.41 -2.90 15.86
C GLU A 184 0.30 -3.82 15.37
N TYR A 185 0.52 -5.13 15.53
CA TYR A 185 -0.32 -6.17 14.96
C TYR A 185 -1.81 -5.95 15.27
N GLU A 186 -2.13 -5.70 16.53
CA GLU A 186 -3.52 -5.65 16.97
C GLU A 186 -4.31 -4.45 16.41
N ILE A 187 -3.62 -3.36 16.09
CA ILE A 187 -4.29 -2.21 15.46
C ILE A 187 -4.73 -2.55 14.05
N LEU A 188 -3.84 -3.22 13.31
CA LEU A 188 -4.17 -3.69 11.96
C LEU A 188 -5.18 -4.82 12.00
N ALA A 189 -5.00 -5.78 12.90
CA ALA A 189 -5.94 -6.89 13.02
C ALA A 189 -7.38 -6.41 13.22
N LYS A 190 -7.56 -5.49 14.16
CA LYS A 190 -8.88 -4.96 14.50
C LYS A 190 -9.54 -4.30 13.28
N ARG A 191 -8.80 -3.47 12.55
CA ARG A 191 -9.32 -2.75 11.40
C ARG A 191 -9.52 -3.67 10.20
N LEU A 192 -8.60 -4.59 9.97
CA LEU A 192 -8.71 -5.50 8.82
C LEU A 192 -9.85 -6.51 8.97
N ARG A 193 -10.21 -6.81 10.21
CA ARG A 193 -11.41 -7.60 10.50
C ARG A 193 -12.66 -6.82 10.14
N GLU A 194 -12.74 -5.58 10.62
CA GLU A 194 -13.85 -4.69 10.28
C GLU A 194 -14.07 -4.62 8.77
N LEU A 195 -13.00 -4.38 8.02
CA LEU A 195 -13.10 -4.25 6.58
C LEU A 195 -13.59 -5.54 5.94
N SER A 196 -13.12 -6.66 6.49
CA SER A 196 -13.56 -7.98 6.07
C SER A 196 -15.07 -8.15 6.12
N PHE A 197 -15.68 -7.66 7.20
CA PHE A 197 -17.12 -7.83 7.40
C PHE A 197 -18.00 -6.72 6.79
N LEU A 198 -17.39 -5.56 6.51
CA LEU A 198 -18.04 -4.47 5.77
C LEU A 198 -18.04 -4.68 4.25
N ASN A 199 -17.22 -5.61 3.76
CA ASN A 199 -17.08 -5.91 2.33
C ASN A 199 -17.16 -7.42 2.21
N SER A 200 -18.32 -7.98 2.50
CA SER A 200 -18.46 -9.44 2.67
C SER A 200 -18.05 -10.17 1.39
N GLY A 201 -17.26 -11.24 1.55
CA GLY A 201 -16.73 -12.02 0.41
C GLY A 201 -15.22 -11.92 0.22
N VAL A 202 -14.64 -10.77 0.58
CA VAL A 202 -13.18 -10.58 0.46
C VAL A 202 -12.40 -11.26 1.61
N SER A 203 -11.37 -12.00 1.25
CA SER A 203 -10.46 -12.62 2.21
C SER A 203 -9.31 -11.66 2.49
N ILE A 204 -9.13 -11.29 3.76
CA ILE A 204 -7.98 -10.48 4.20
C ILE A 204 -7.15 -11.31 5.18
N ARG A 205 -5.86 -11.44 4.87
CA ARG A 205 -4.90 -12.17 5.69
C ARG A 205 -3.93 -11.17 6.25
N LEU A 206 -3.56 -11.32 7.51
CA LEU A 206 -2.52 -10.51 8.13
C LEU A 206 -1.42 -11.44 8.62
N ARG A 207 -0.17 -11.09 8.29
CA ARG A 207 1.01 -11.87 8.63
CA ARG A 207 1.01 -11.88 8.64
C ARG A 207 2.03 -10.97 9.31
N ASP A 208 2.59 -11.40 10.44
CA ASP A 208 3.67 -10.68 11.11
C ASP A 208 4.94 -11.49 11.02
N LYS A 209 5.92 -10.99 10.25
CA LYS A 209 7.23 -11.64 10.16
C LYS A 209 8.10 -11.55 11.41
N ARG A 210 7.77 -10.66 12.34
CA ARG A 210 8.56 -10.52 13.57
C ARG A 210 8.30 -11.62 14.58
N ASP A 211 7.16 -12.32 14.46
CA ASP A 211 6.84 -13.42 15.37
C ASP A 211 5.98 -14.55 14.81
N GLY A 212 5.77 -14.60 13.50
CA GLY A 212 4.98 -15.66 12.88
C GLY A 212 3.48 -15.67 13.15
N LYS A 213 2.96 -14.59 13.73
CA LYS A 213 1.54 -14.48 14.00
C LYS A 213 0.86 -14.37 12.64
N GLU A 214 -0.24 -15.09 12.47
CA GLU A 214 -1.00 -14.99 11.24
C GLU A 214 -2.49 -15.03 11.55
N ASP A 215 -3.28 -14.27 10.77
CA ASP A 215 -4.74 -14.27 10.91
C ASP A 215 -5.39 -14.29 9.55
N HIS A 216 -6.64 -14.75 9.52
CA HIS A 216 -7.43 -14.81 8.31
C HIS A 216 -8.86 -14.29 8.59
N PHE A 217 -9.20 -13.15 7.99
CA PHE A 217 -10.52 -12.53 8.14
C PHE A 217 -11.34 -12.66 6.85
N HIS A 218 -12.46 -13.38 6.93
N HIS A 218 -12.47 -13.37 6.94
CA HIS A 218 -13.40 -13.50 5.83
CA HIS A 218 -13.40 -13.55 5.80
C HIS A 218 -14.79 -13.88 6.36
C HIS A 218 -14.79 -13.87 6.37
N TYR A 219 -15.82 -13.17 5.89
CA TYR A 219 -17.21 -13.35 6.36
C TYR A 219 -18.21 -13.73 5.28
N GLU A 220 -18.94 -14.82 5.51
CA GLU A 220 -20.13 -15.17 4.71
C GLU A 220 -21.36 -14.62 5.41
CBD D0K B . -7.57 6.15 -5.51
OBC D0K B . -6.39 5.87 -6.29
CAZ D0K B . -6.40 4.73 -7.05
CBA D0K B . -7.56 4.29 -7.71
CBB D0K B . -7.53 3.13 -8.48
CAY D0K B . -5.23 3.98 -7.18
CAX D0K B . -5.21 2.82 -7.96
CAW D0K B . -6.37 2.37 -8.60
NAK D0K B . -6.41 1.29 -9.39
CAJ D0K B . -6.19 0.00 -8.99
CAI D0K B . -5.70 -0.38 -7.72
CAH D0K B . -5.47 -1.74 -7.39
NAL D0K B . -5.03 -2.23 -6.22
CAM D0K B . -4.19 -1.59 -5.38
OAO D0K B . -3.79 -0.44 -5.55
NAN D0K B . -3.82 -2.28 -4.29
CAP D0K B . -2.93 -1.75 -3.25
CAQ D0K B . -1.99 -2.84 -2.75
NAG D0K B . -5.73 -2.67 -8.31
CAF D0K B . -6.21 -2.34 -9.58
CAE D0K B . -6.43 -1.01 -9.97
CAC D0K B . -6.93 -0.73 -11.28
OAD D0K B . -7.68 0.22 -11.45
NAB D0K B . -6.56 -1.57 -12.29
CAA D0K B . -7.02 -1.45 -13.55
CAR D0K B . -8.40 -1.29 -13.83
CAS D0K B . -8.85 -1.21 -15.15
CAT D0K B . -7.95 -1.32 -16.20
NAU D0K B . -6.59 -1.51 -15.94
CAV D0K B . -6.13 -1.59 -14.61
#